data_6HWI
#
_entry.id   6HWI
#
_entity_poly.entity_id   1
_entity_poly.type   'polypeptide(L)'
_entity_poly.pdbx_seq_one_letter_code
;GFDFAVIKELKTAASQYGATAPYTLAIVESVADNWLTPTDWNTLVRAVLSGGDHLLWKSEFFENCRDTAKRNQQAGNGWD
FDMLTGSGNYSSTDAQMQYDPGLFAQIQAAATKAWRKLPVKGDPGASLTGVKQGPDEPFADFVHRLITTAGRIFGSAEAG
VDYVKQLAYENANPACQAAIRPYRKKTDLTGYIRLCSDIG
;
_entity_poly.pdbx_strand_id   A,B,C
#
# COMPACT_ATOMS: atom_id res chain seq x y z
N GLY A 1 -11.39 20.73 -19.01
CA GLY A 1 -12.36 20.30 -19.99
C GLY A 1 -12.73 18.83 -19.88
N PHE A 2 -13.80 18.44 -20.55
CA PHE A 2 -14.25 17.05 -20.51
C PHE A 2 -13.40 16.18 -21.41
N ASP A 3 -12.49 15.42 -20.81
CA ASP A 3 -11.78 14.38 -21.55
C ASP A 3 -12.63 13.13 -21.59
N PHE A 4 -12.99 12.68 -22.78
CA PHE A 4 -13.85 11.50 -22.88
C PHE A 4 -13.03 10.27 -23.26
N ALA A 5 -12.45 10.29 -24.46
CA ALA A 5 -11.82 9.09 -25.01
C ALA A 5 -10.55 8.74 -24.25
N VAL A 6 -9.72 9.73 -23.95
CA VAL A 6 -8.47 9.45 -23.25
C VAL A 6 -8.76 8.91 -21.86
N ILE A 7 -9.87 9.36 -21.26
CA ILE A 7 -10.30 8.77 -20.00
C ILE A 7 -10.62 7.29 -20.20
N LYS A 8 -11.42 6.98 -21.21
CA LYS A 8 -11.68 5.59 -21.54
C LYS A 8 -10.38 4.81 -21.70
N GLU A 9 -9.42 5.43 -22.36
CA GLU A 9 -8.16 4.78 -22.67
C GLU A 9 -7.35 4.49 -21.43
N LEU A 10 -7.27 5.47 -20.53
CA LEU A 10 -6.57 5.24 -19.28
C LEU A 10 -7.30 4.21 -18.44
N LYS A 11 -8.63 4.17 -18.52
CA LYS A 11 -9.34 3.11 -17.82
C LYS A 11 -8.95 1.74 -18.36
N THR A 12 -8.86 1.64 -19.68
CA THR A 12 -8.39 0.39 -20.29
C THR A 12 -6.99 0.05 -19.79
N ALA A 13 -6.12 1.06 -19.78
CA ALA A 13 -4.73 0.89 -19.32
C ALA A 13 -4.72 0.55 -17.82
N ALA A 14 -5.70 1.08 -17.08
CA ALA A 14 -5.81 0.83 -15.62
C ALA A 14 -6.14 -0.65 -15.38
N SER A 15 -6.97 -1.23 -16.25
CA SER A 15 -7.36 -2.66 -16.12
C SER A 15 -6.21 -3.55 -16.60
N GLN A 16 -5.33 -3.02 -17.45
CA GLN A 16 -4.16 -3.79 -17.98
C GLN A 16 -2.91 -3.39 -17.19
N TYR A 17 -2.72 -2.08 -16.96
CA TYR A 17 -1.57 -1.59 -16.22
C TYR A 17 -1.82 -1.50 -14.73
N GLY A 18 -3.06 -1.29 -14.33
CA GLY A 18 -3.30 -1.08 -12.91
C GLY A 18 -3.08 0.36 -12.49
N ALA A 19 -3.86 0.79 -11.50
CA ALA A 19 -3.83 2.17 -11.04
C ALA A 19 -2.59 2.37 -10.17
N THR A 20 -1.48 1.78 -10.59
CA THR A 20 -0.22 1.92 -9.90
C THR A 20 0.89 2.16 -10.92
N ALA A 21 0.66 1.76 -12.15
CA ALA A 21 1.68 1.90 -13.18
C ALA A 21 2.00 3.38 -13.36
N PRO A 22 3.27 3.76 -13.40
CA PRO A 22 3.64 5.18 -13.54
C PRO A 22 2.81 5.88 -14.59
N TYR A 23 2.46 5.10 -15.62
CA TYR A 23 1.56 5.54 -16.67
C TYR A 23 0.28 6.13 -16.09
N THR A 24 -0.41 5.36 -15.26
CA THR A 24 -1.76 5.75 -14.86
C THR A 24 -1.74 7.01 -14.02
N LEU A 25 -0.89 7.07 -13.00
CA LEU A 25 -0.84 8.27 -12.17
C LEU A 25 -0.26 9.45 -12.92
N ALA A 26 0.65 9.21 -13.86
CA ALA A 26 1.13 10.29 -14.70
C ALA A 26 -0.03 10.91 -15.46
N ILE A 27 -0.90 10.09 -16.01
CA ILE A 27 -2.03 10.62 -16.75
C ILE A 27 -3.01 11.28 -15.80
N VAL A 28 -3.17 10.70 -14.61
CA VAL A 28 -4.03 11.29 -13.59
C VAL A 28 -3.61 12.74 -13.34
N GLU A 29 -2.36 12.92 -12.93
CA GLU A 29 -1.86 14.25 -12.63
C GLU A 29 -1.86 15.14 -13.87
N SER A 30 -1.69 14.54 -15.05
CA SER A 30 -1.75 15.33 -16.26
C SER A 30 -3.12 15.92 -16.47
N VAL A 31 -4.17 15.14 -16.21
CA VAL A 31 -5.53 15.65 -16.34
C VAL A 31 -5.81 16.63 -15.22
N ALA A 32 -5.22 16.41 -14.06
CA ALA A 32 -5.42 17.32 -12.93
C ALA A 32 -4.92 18.72 -13.22
N ASP A 33 -4.29 18.95 -14.37
CA ASP A 33 -3.72 20.23 -14.73
C ASP A 33 -4.73 21.38 -14.70
N ASN A 34 -6.01 21.10 -14.88
CA ASN A 34 -6.97 22.15 -15.14
C ASN A 34 -7.72 22.54 -13.87
N TRP A 35 -7.96 23.85 -13.74
CA TRP A 35 -8.87 24.34 -12.73
C TRP A 35 -10.27 23.85 -13.02
N LEU A 36 -10.70 22.83 -12.26
CA LEU A 36 -12.01 22.24 -12.45
C LEU A 36 -12.46 21.62 -11.13
N THR A 37 -13.67 21.10 -11.10
CA THR A 37 -14.27 20.59 -9.88
C THR A 37 -13.84 19.15 -9.65
N PRO A 38 -13.48 18.79 -8.44
CA PRO A 38 -13.32 17.36 -8.12
C PRO A 38 -14.62 16.62 -8.24
N THR A 39 -15.75 17.32 -8.19
CA THR A 39 -17.04 16.66 -8.26
C THR A 39 -17.16 15.83 -9.53
N ASP A 40 -17.05 16.47 -10.68
CA ASP A 40 -17.16 15.75 -11.93
C ASP A 40 -15.95 14.89 -12.19
N TRP A 41 -14.77 15.30 -11.73
CA TRP A 41 -13.62 14.41 -11.75
C TRP A 41 -13.99 13.06 -11.17
N ASN A 42 -14.61 13.08 -10.01
CA ASN A 42 -14.87 11.86 -9.27
C ASN A 42 -16.07 11.13 -9.83
N THR A 43 -17.07 11.87 -10.30
CA THR A 43 -18.17 11.21 -11.00
C THR A 43 -17.63 10.47 -12.22
N LEU A 44 -16.75 11.12 -12.96
CA LEU A 44 -16.05 10.49 -14.08
C LEU A 44 -15.33 9.24 -13.63
N VAL A 45 -14.54 9.33 -12.57
CA VAL A 45 -13.73 8.18 -12.20
C VAL A 45 -14.61 7.03 -11.75
N ARG A 46 -15.61 7.32 -10.90
CA ARG A 46 -16.52 6.27 -10.49
C ARG A 46 -17.30 5.72 -11.67
N ALA A 47 -17.40 6.47 -12.76
CA ALA A 47 -17.95 5.95 -13.99
C ALA A 47 -17.01 4.94 -14.61
N VAL A 48 -15.73 5.31 -14.76
CA VAL A 48 -14.77 4.34 -15.24
C VAL A 48 -14.42 3.34 -14.13
N LEU A 49 -14.19 3.81 -12.92
CA LEU A 49 -13.80 2.94 -11.82
C LEU A 49 -15.03 2.36 -11.15
N SER A 50 -14.82 1.69 -10.01
CA SER A 50 -15.88 0.86 -9.46
C SER A 50 -16.18 1.25 -8.03
N GLY A 51 -16.87 2.37 -7.86
CA GLY A 51 -17.72 2.60 -6.70
C GLY A 51 -17.01 2.74 -5.38
N GLY A 52 -16.64 1.61 -4.79
CA GLY A 52 -16.10 1.63 -3.44
C GLY A 52 -14.76 2.31 -3.38
N ASP A 53 -13.87 1.98 -4.32
CA ASP A 53 -12.69 2.79 -4.55
C ASP A 53 -13.01 4.27 -4.51
N HIS A 54 -13.96 4.68 -5.36
CA HIS A 54 -14.35 6.07 -5.46
C HIS A 54 -14.82 6.62 -4.12
N LEU A 55 -15.88 6.04 -3.58
CA LEU A 55 -16.52 6.63 -2.42
C LEU A 55 -15.60 6.58 -1.21
N LEU A 56 -14.72 5.58 -1.16
CA LEU A 56 -13.69 5.53 -0.12
C LEU A 56 -12.72 6.69 -0.24
N TRP A 57 -12.16 6.88 -1.45
CA TRP A 57 -11.31 8.04 -1.68
C TRP A 57 -12.00 9.33 -1.28
N LYS A 58 -13.30 9.41 -1.54
CA LYS A 58 -13.96 10.66 -1.24
C LYS A 58 -14.32 10.79 0.23
N SER A 59 -14.51 9.66 0.90
CA SER A 59 -14.70 9.71 2.34
C SER A 59 -13.42 10.12 3.04
N GLU A 60 -12.29 9.59 2.59
CA GLU A 60 -11.04 10.01 3.17
C GLU A 60 -10.74 11.45 2.79
N PHE A 61 -11.14 11.86 1.59
CA PHE A 61 -11.25 13.28 1.29
C PHE A 61 -11.93 14.03 2.42
N PHE A 62 -13.16 13.66 2.74
CA PHE A 62 -13.87 14.38 3.78
C PHE A 62 -13.04 14.42 5.05
N GLU A 63 -12.52 13.28 5.45
CA GLU A 63 -11.85 13.20 6.74
C GLU A 63 -10.59 14.06 6.76
N ASN A 64 -9.62 13.74 5.91
CA ASN A 64 -8.36 14.47 5.93
C ASN A 64 -8.55 15.93 5.56
N CYS A 65 -9.46 16.23 4.66
CA CYS A 65 -9.65 17.60 4.21
C CYS A 65 -10.34 18.43 5.27
N ARG A 66 -11.20 17.82 6.06
CA ARG A 66 -11.78 18.59 7.15
C ARG A 66 -10.83 18.70 8.33
N ASP A 67 -9.88 17.78 8.46
CA ASP A 67 -8.75 18.04 9.35
C ASP A 67 -7.93 19.21 8.83
N THR A 68 -7.68 19.22 7.53
CA THR A 68 -7.04 20.36 6.90
C THR A 68 -7.85 21.63 7.17
N ALA A 69 -9.18 21.49 7.22
CA ALA A 69 -10.05 22.63 7.53
C ALA A 69 -9.86 23.08 8.95
N LYS A 70 -9.76 22.13 9.88
CA LYS A 70 -9.33 22.44 11.23
C LYS A 70 -8.12 23.35 11.19
N ARG A 71 -7.10 22.94 10.46
CA ARG A 71 -5.87 23.72 10.36
C ARG A 71 -6.13 25.06 9.67
N ASN A 72 -6.98 25.06 8.65
CA ASN A 72 -7.26 26.25 7.86
C ASN A 72 -7.92 27.31 8.70
N GLN A 73 -8.73 26.90 9.65
CA GLN A 73 -9.39 27.82 10.55
C GLN A 73 -8.56 28.10 11.78
N GLN A 74 -7.62 27.22 12.11
CA GLN A 74 -6.51 27.61 12.97
C GLN A 74 -5.75 28.77 12.34
N ALA A 75 -5.55 28.69 11.02
CA ALA A 75 -5.05 29.83 10.27
C ALA A 75 -6.17 30.77 9.87
N GLY A 76 -7.42 30.31 9.89
CA GLY A 76 -8.54 31.19 9.66
C GLY A 76 -8.91 31.40 8.21
N ASN A 77 -8.96 30.34 7.40
CA ASN A 77 -9.41 30.51 6.03
C ASN A 77 -10.87 30.95 5.97
N GLY A 78 -11.73 30.35 6.77
CA GLY A 78 -13.14 30.62 6.63
C GLY A 78 -13.65 29.96 5.37
N TRP A 79 -13.51 28.63 5.31
CA TRP A 79 -14.02 27.87 4.14
C TRP A 79 -14.16 26.39 4.50
N ASP A 80 -13.81 25.52 3.54
CA ASP A 80 -13.77 24.03 3.66
C ASP A 80 -15.15 23.35 3.67
N PHE A 81 -16.28 24.05 3.80
CA PHE A 81 -17.48 23.22 3.78
C PHE A 81 -17.91 22.88 2.35
N ASP A 82 -18.33 23.89 1.59
CA ASP A 82 -19.16 23.62 0.43
C ASP A 82 -18.35 23.01 -0.70
N MET A 83 -17.37 23.74 -1.19
CA MET A 83 -16.44 23.18 -2.16
C MET A 83 -15.71 22.00 -1.56
N LEU A 84 -15.23 22.13 -0.32
CA LEU A 84 -14.52 21.05 0.35
C LEU A 84 -15.57 20.11 0.93
N THR A 85 -16.54 19.78 0.09
CA THR A 85 -17.44 18.66 0.28
C THR A 85 -17.38 17.88 -1.01
N GLY A 86 -17.15 18.61 -2.09
CA GLY A 86 -17.21 18.11 -3.44
C GLY A 86 -18.35 18.89 -4.02
N SER A 87 -19.39 19.01 -3.20
CA SER A 87 -20.49 19.94 -3.39
C SER A 87 -21.20 20.10 -2.06
N GLY A 88 -21.14 21.28 -1.46
CA GLY A 88 -21.76 21.42 -0.16
C GLY A 88 -23.25 21.70 -0.23
N ASN A 89 -23.62 22.84 -0.79
CA ASN A 89 -25.01 23.27 -0.79
C ASN A 89 -25.50 23.70 -2.16
N TYR A 90 -24.71 24.53 -2.84
CA TYR A 90 -25.10 25.05 -4.18
C TYR A 90 -23.90 24.97 -5.13
N SER A 91 -23.11 23.90 -5.00
CA SER A 91 -21.92 23.70 -5.87
C SER A 91 -22.37 23.33 -7.29
N SER A 92 -23.64 23.62 -7.63
CA SER A 92 -24.15 23.30 -8.98
C SER A 92 -23.27 23.90 -10.08
N THR A 93 -22.28 23.14 -10.53
CA THR A 93 -21.36 23.54 -11.64
C THR A 93 -20.57 24.82 -11.34
N ASP A 94 -21.11 25.98 -11.72
CA ASP A 94 -20.39 27.25 -11.58
C ASP A 94 -20.27 27.66 -10.12
N ALA A 95 -21.36 27.51 -9.37
CA ALA A 95 -21.31 27.83 -7.94
C ALA A 95 -20.22 27.02 -7.25
N GLN A 96 -19.86 25.87 -7.80
CA GLN A 96 -18.67 25.18 -7.32
C GLN A 96 -17.41 25.80 -7.92
N MET A 97 -17.46 26.15 -9.21
CA MET A 97 -16.40 26.87 -9.90
C MET A 97 -15.97 28.13 -9.17
N GLN A 98 -16.74 28.55 -8.17
CA GLN A 98 -16.39 29.72 -7.39
C GLN A 98 -15.18 29.48 -6.49
N TYR A 99 -14.46 28.39 -6.71
CA TYR A 99 -13.25 28.04 -5.99
C TYR A 99 -12.29 29.20 -5.78
N ASP A 100 -11.58 29.18 -4.67
CA ASP A 100 -10.42 30.03 -4.51
C ASP A 100 -9.34 29.28 -5.26
N PRO A 101 -8.43 29.98 -5.93
CA PRO A 101 -7.34 29.26 -6.61
C PRO A 101 -6.47 28.47 -5.66
N GLY A 102 -6.26 28.97 -4.44
CA GLY A 102 -5.56 28.20 -3.44
C GLY A 102 -6.46 27.09 -2.95
N LEU A 103 -7.77 27.36 -2.97
CA LEU A 103 -8.73 26.31 -2.71
C LEU A 103 -8.70 25.26 -3.83
N PHE A 104 -8.52 25.70 -5.07
CA PHE A 104 -8.32 24.73 -6.14
C PHE A 104 -7.06 23.91 -5.92
N ALA A 105 -5.98 24.57 -5.49
CA ALA A 105 -4.77 23.84 -5.16
C ALA A 105 -5.08 22.75 -4.15
N GLN A 106 -5.81 23.13 -3.10
CA GLN A 106 -6.18 22.17 -2.06
C GLN A 106 -6.98 21.02 -2.63
N ILE A 107 -7.99 21.32 -3.44
CA ILE A 107 -8.91 20.27 -3.91
C ILE A 107 -8.18 19.33 -4.86
N GLN A 108 -7.36 19.89 -5.75
CA GLN A 108 -6.61 19.04 -6.67
C GLN A 108 -5.65 18.16 -5.91
N ALA A 109 -4.92 18.74 -4.94
CA ALA A 109 -4.02 17.95 -4.12
C ALA A 109 -4.75 16.85 -3.40
N ALA A 110 -5.93 17.15 -2.88
CA ALA A 110 -6.69 16.16 -2.13
C ALA A 110 -7.16 15.04 -3.04
N ALA A 111 -7.66 15.39 -4.23
CA ALA A 111 -8.14 14.39 -5.16
C ALA A 111 -7.03 13.46 -5.58
N THR A 112 -5.89 14.03 -5.96
CA THR A 112 -4.77 13.20 -6.37
C THR A 112 -4.22 12.40 -5.19
N LYS A 113 -4.27 12.97 -3.98
CA LYS A 113 -3.88 12.25 -2.79
C LYS A 113 -4.73 11.01 -2.60
N ALA A 114 -6.05 11.21 -2.64
CA ALA A 114 -6.98 10.10 -2.58
C ALA A 114 -6.61 9.04 -3.62
N TRP A 115 -6.70 9.42 -4.90
CA TRP A 115 -6.42 8.49 -5.98
C TRP A 115 -5.11 7.75 -5.75
N ARG A 116 -4.13 8.46 -5.20
CA ARG A 116 -2.87 7.85 -4.84
C ARG A 116 -3.06 6.78 -3.77
N LYS A 117 -3.98 7.00 -2.82
CA LYS A 117 -4.10 6.11 -1.68
C LYS A 117 -4.43 4.67 -2.07
N LEU A 118 -5.66 4.41 -2.50
CA LEU A 118 -6.20 3.06 -2.40
C LEU A 118 -5.43 2.09 -3.31
N PRO A 119 -5.30 0.84 -2.91
CA PRO A 119 -4.50 -0.12 -3.68
C PRO A 119 -5.27 -0.74 -4.83
N VAL A 120 -4.54 -1.06 -5.90
CA VAL A 120 -5.09 -1.81 -7.02
C VAL A 120 -5.34 -3.22 -6.50
N LYS A 121 -6.09 -4.01 -7.28
CA LYS A 121 -6.18 -5.44 -7.00
C LYS A 121 -4.81 -6.03 -6.75
N GLY A 122 -3.94 -5.96 -7.76
CA GLY A 122 -2.60 -6.50 -7.64
C GLY A 122 -2.17 -7.43 -8.76
N ASP A 123 -2.99 -7.59 -9.81
CA ASP A 123 -2.53 -8.47 -10.88
C ASP A 123 -3.19 -8.21 -12.23
N PRO A 124 -2.99 -7.00 -12.89
CA PRO A 124 -3.68 -6.74 -14.19
C PRO A 124 -2.78 -6.92 -15.42
N GLY A 125 -1.54 -7.34 -15.18
CA GLY A 125 -0.51 -7.30 -16.18
C GLY A 125 0.03 -8.65 -16.62
N ALA A 126 -0.41 -9.72 -15.97
CA ALA A 126 0.03 -11.08 -16.23
C ALA A 126 0.24 -11.36 -17.71
N SER A 127 -0.62 -10.80 -18.55
CA SER A 127 -0.46 -10.89 -20.01
C SER A 127 0.98 -10.63 -20.43
N LEU A 128 1.61 -9.62 -19.81
CA LEU A 128 2.98 -9.28 -20.12
C LEU A 128 3.88 -10.49 -20.09
N THR A 129 3.96 -11.15 -18.93
CA THR A 129 4.79 -12.34 -18.82
C THR A 129 4.18 -13.52 -19.55
N GLY A 130 3.04 -13.33 -20.22
CA GLY A 130 2.23 -14.48 -20.53
C GLY A 130 2.54 -15.23 -21.81
N VAL A 131 1.53 -15.40 -22.66
CA VAL A 131 1.51 -16.54 -23.59
C VAL A 131 2.68 -16.51 -24.57
N LYS A 132 2.67 -15.58 -25.53
CA LYS A 132 3.77 -15.52 -26.48
C LYS A 132 3.64 -14.35 -27.44
N GLN A 133 4.55 -14.32 -28.41
CA GLN A 133 4.34 -13.66 -29.69
C GLN A 133 3.44 -14.53 -30.54
N GLY A 134 2.51 -13.91 -31.26
CA GLY A 134 1.77 -14.61 -32.26
C GLY A 134 2.71 -15.14 -33.33
N PRO A 135 2.39 -16.32 -33.86
CA PRO A 135 3.34 -16.96 -34.80
C PRO A 135 3.58 -16.15 -36.05
N ASP A 136 2.51 -15.63 -36.66
CA ASP A 136 2.66 -14.85 -37.88
C ASP A 136 3.22 -13.47 -37.60
N GLU A 137 3.05 -12.99 -36.37
CA GLU A 137 3.45 -11.65 -36.01
C GLU A 137 4.97 -11.47 -36.11
N PRO A 138 5.44 -10.29 -36.49
CA PRO A 138 6.88 -10.04 -36.51
C PRO A 138 7.46 -10.03 -35.11
N PHE A 139 8.67 -10.57 -35.00
CA PHE A 139 9.23 -10.89 -33.68
C PHE A 139 9.78 -9.64 -33.00
N ALA A 140 10.60 -8.87 -33.71
CA ALA A 140 11.27 -7.74 -33.07
C ALA A 140 10.27 -6.67 -32.69
N ASP A 141 9.24 -6.49 -33.50
CA ASP A 141 8.16 -5.60 -33.13
C ASP A 141 7.47 -6.08 -31.86
N PHE A 142 7.27 -7.39 -31.75
CA PHE A 142 6.70 -7.94 -30.53
C PHE A 142 7.60 -7.64 -29.33
N VAL A 143 8.90 -7.82 -29.51
CA VAL A 143 9.84 -7.56 -28.43
C VAL A 143 9.81 -6.10 -28.03
N HIS A 144 9.74 -5.22 -29.03
CA HIS A 144 9.60 -3.80 -28.76
C HIS A 144 8.36 -3.52 -27.94
N ARG A 145 7.23 -4.10 -28.36
CA ARG A 145 6.02 -4.02 -27.55
C ARG A 145 6.31 -4.46 -26.13
N LEU A 146 7.07 -5.54 -25.99
CA LEU A 146 7.34 -6.12 -24.68
C LEU A 146 8.07 -5.12 -23.81
N ILE A 147 9.17 -4.57 -24.31
CA ILE A 147 10.00 -3.75 -23.43
C ILE A 147 9.29 -2.45 -23.15
N THR A 148 8.59 -1.90 -24.14
CA THR A 148 7.84 -0.68 -23.90
C THR A 148 6.81 -0.86 -22.80
N THR A 149 6.01 -1.93 -22.87
CA THR A 149 5.00 -2.10 -21.83
C THR A 149 5.63 -2.53 -20.52
N ALA A 150 6.78 -3.21 -20.58
CA ALA A 150 7.49 -3.58 -19.37
C ALA A 150 7.98 -2.34 -18.65
N GLY A 151 8.45 -1.35 -19.40
CA GLY A 151 8.72 -0.06 -18.81
C GLY A 151 7.46 0.56 -18.26
N ARG A 152 6.35 0.43 -18.98
CA ARG A 152 5.09 0.99 -18.51
C ARG A 152 4.73 0.46 -17.12
N ILE A 153 4.83 -0.86 -16.94
CA ILE A 153 4.33 -1.47 -15.72
C ILE A 153 5.42 -1.49 -14.65
N PHE A 154 6.60 -2.00 -15.00
CA PHE A 154 7.71 -2.08 -14.06
C PHE A 154 8.17 -0.70 -13.64
N GLY A 155 7.86 0.32 -14.44
CA GLY A 155 8.26 1.67 -14.14
C GLY A 155 9.56 2.10 -14.76
N SER A 156 10.30 1.20 -15.40
CA SER A 156 11.52 1.57 -16.09
C SER A 156 11.78 0.60 -17.22
N ALA A 157 12.47 1.10 -18.24
CA ALA A 157 12.92 0.22 -19.32
C ALA A 157 14.01 -0.71 -18.82
N GLU A 158 14.72 -0.33 -17.77
CA GLU A 158 15.85 -1.11 -17.28
C GLU A 158 15.35 -2.26 -16.40
N ALA A 159 14.43 -3.04 -16.96
CA ALA A 159 14.09 -4.34 -16.40
C ALA A 159 14.71 -5.46 -17.23
N GLY A 160 15.09 -5.14 -18.47
CA GLY A 160 15.63 -6.11 -19.41
C GLY A 160 16.74 -6.95 -18.83
N VAL A 161 16.54 -8.26 -18.86
CA VAL A 161 17.44 -9.21 -18.22
C VAL A 161 17.21 -10.57 -18.87
N ASP A 162 18.14 -11.49 -18.66
CA ASP A 162 18.00 -12.85 -19.22
C ASP A 162 16.64 -13.43 -18.88
N TYR A 163 16.07 -13.03 -17.74
CA TYR A 163 14.63 -13.17 -17.54
C TYR A 163 13.84 -12.67 -18.72
N VAL A 164 14.03 -11.40 -19.08
CA VAL A 164 13.32 -10.84 -20.21
C VAL A 164 13.73 -11.54 -21.50
N LYS A 165 14.99 -12.01 -21.57
CA LYS A 165 15.44 -12.71 -22.76
C LYS A 165 14.67 -14.00 -22.98
N GLN A 166 14.53 -14.81 -21.93
CA GLN A 166 13.79 -16.06 -22.07
C GLN A 166 12.30 -15.80 -22.10
N LEU A 167 11.87 -14.65 -21.56
CA LEU A 167 10.49 -14.26 -21.75
C LEU A 167 10.19 -14.09 -23.23
N ALA A 168 11.01 -13.31 -23.92
CA ALA A 168 10.86 -13.17 -25.36
C ALA A 168 11.03 -14.52 -26.06
N TYR A 169 12.02 -15.30 -25.61
CA TYR A 169 12.25 -16.62 -26.19
C TYR A 169 10.99 -17.47 -26.19
N GLU A 170 10.48 -17.76 -24.99
CA GLU A 170 9.21 -18.47 -24.87
C GLU A 170 8.13 -17.77 -25.67
N ASN A 171 8.15 -16.44 -25.67
CA ASN A 171 7.13 -15.71 -26.38
C ASN A 171 7.33 -15.73 -27.88
N ALA A 172 8.57 -15.91 -28.34
CA ALA A 172 8.79 -16.01 -29.77
C ALA A 172 8.01 -17.17 -30.35
N ASN A 173 7.80 -17.14 -31.66
CA ASN A 173 7.03 -18.19 -32.29
C ASN A 173 7.88 -19.46 -32.24
N PRO A 174 7.25 -20.62 -32.41
CA PRO A 174 8.04 -21.87 -32.36
C PRO A 174 9.21 -21.84 -33.33
N ALA A 175 9.03 -21.22 -34.49
CA ALA A 175 10.13 -21.11 -35.45
C ALA A 175 11.30 -20.34 -34.84
N CYS A 176 11.04 -19.10 -34.44
CA CYS A 176 12.14 -18.24 -34.02
C CYS A 176 12.79 -18.75 -32.73
N GLN A 177 11.97 -19.15 -31.77
CA GLN A 177 12.52 -19.66 -30.52
C GLN A 177 13.26 -20.97 -30.74
N ALA A 178 12.75 -21.80 -31.64
CA ALA A 178 13.42 -23.05 -31.98
C ALA A 178 14.71 -22.79 -32.72
N ALA A 179 14.84 -21.62 -33.33
CA ALA A 179 16.12 -21.23 -33.90
C ALA A 179 17.06 -20.70 -32.84
N ILE A 180 16.51 -20.00 -31.84
CA ILE A 180 17.35 -19.28 -30.90
C ILE A 180 17.93 -20.21 -29.84
N ARG A 181 17.11 -21.08 -29.28
CA ARG A 181 17.62 -21.94 -28.22
C ARG A 181 18.78 -22.80 -28.68
N PRO A 182 18.74 -23.45 -29.85
CA PRO A 182 19.97 -24.06 -30.38
C PRO A 182 21.00 -23.05 -30.81
N TYR A 183 20.60 -21.81 -31.11
CA TYR A 183 21.56 -20.81 -31.55
C TYR A 183 22.66 -20.58 -30.53
N ARG A 184 22.29 -20.20 -29.30
CA ARG A 184 23.27 -19.84 -28.29
C ARG A 184 22.60 -19.56 -26.96
N LYS A 185 23.34 -19.73 -25.87
CA LYS A 185 22.95 -19.08 -24.63
C LYS A 185 23.85 -17.86 -24.42
N LYS A 186 23.33 -16.89 -23.67
CA LYS A 186 23.85 -15.52 -23.58
C LYS A 186 23.57 -14.73 -24.86
N THR A 187 22.47 -15.05 -25.55
CA THR A 187 22.13 -14.38 -26.79
C THR A 187 21.42 -13.06 -26.55
N ASP A 188 21.86 -12.03 -27.26
CA ASP A 188 21.35 -10.69 -27.07
C ASP A 188 20.40 -10.30 -28.19
N LEU A 189 19.77 -9.13 -28.03
CA LEU A 189 18.76 -8.65 -28.97
C LEU A 189 19.28 -8.67 -30.39
N THR A 190 20.57 -8.36 -30.58
CA THR A 190 21.13 -8.35 -31.92
C THR A 190 21.00 -9.71 -32.57
N GLY A 191 21.28 -10.77 -31.81
CA GLY A 191 21.13 -12.11 -32.36
C GLY A 191 19.72 -12.40 -32.80
N TYR A 192 18.74 -12.04 -31.99
CA TYR A 192 17.35 -12.35 -32.32
C TYR A 192 16.92 -11.60 -33.57
N ILE A 193 17.16 -10.28 -33.57
CA ILE A 193 16.75 -9.46 -34.70
C ILE A 193 17.47 -9.92 -35.95
N ARG A 194 18.68 -10.41 -35.79
CA ARG A 194 19.44 -10.95 -36.91
C ARG A 194 18.77 -12.21 -37.45
N LEU A 195 18.54 -13.18 -36.57
CA LEU A 195 18.06 -14.49 -37.01
C LEU A 195 16.67 -14.42 -37.60
N CYS A 196 15.67 -14.08 -36.78
CA CYS A 196 14.34 -14.57 -37.12
C CYS A 196 13.62 -13.66 -38.13
N SER A 197 14.35 -12.80 -38.81
CA SER A 197 13.77 -11.84 -39.75
C SER A 197 13.36 -12.45 -41.08
N ASP A 198 12.31 -13.27 -41.11
CA ASP A 198 11.79 -13.80 -42.37
C ASP A 198 10.36 -14.27 -42.17
N ILE A 199 9.81 -14.94 -43.17
CA ILE A 199 8.47 -15.51 -43.09
C ILE A 199 8.50 -16.98 -43.49
N GLY A 200 8.97 -17.26 -44.70
CA GLY A 200 8.99 -18.61 -45.21
C GLY A 200 7.62 -19.16 -45.54
N GLY B 1 8.06 19.44 10.71
CA GLY B 1 9.26 19.35 11.51
C GLY B 1 10.47 18.84 10.76
N PHE B 2 11.65 19.00 11.36
CA PHE B 2 12.89 18.56 10.73
C PHE B 2 13.04 17.05 10.88
N ASP B 3 12.77 16.33 9.79
CA ASP B 3 13.10 14.90 9.74
C ASP B 3 14.56 14.76 9.32
N PHE B 4 15.37 14.16 10.18
CA PHE B 4 16.79 14.02 9.85
C PHE B 4 17.11 12.60 9.38
N ALA B 5 16.93 11.63 10.27
CA ALA B 5 17.40 10.28 9.99
C ALA B 5 16.56 9.62 8.91
N VAL B 6 15.24 9.75 8.97
CA VAL B 6 14.39 9.12 7.98
C VAL B 6 14.66 9.72 6.61
N ILE B 7 15.01 11.00 6.56
CA ILE B 7 15.46 11.59 5.31
C ILE B 7 16.70 10.90 4.81
N LYS B 8 17.70 10.74 5.67
CA LYS B 8 18.89 9.98 5.29
C LYS B 8 18.50 8.61 4.76
N GLU B 9 17.55 7.97 5.41
CA GLU B 9 17.15 6.62 5.08
C GLU B 9 16.48 6.55 3.72
N LEU B 10 15.59 7.48 3.45
CA LEU B 10 14.97 7.53 2.13
C LEU B 10 15.99 7.86 1.07
N LYS B 11 16.99 8.67 1.40
CA LYS B 11 18.06 8.92 0.44
C LYS B 11 18.79 7.63 0.12
N THR B 12 19.09 6.85 1.15
CA THR B 12 19.71 5.54 0.93
C THR B 12 18.84 4.68 0.04
N ALA B 13 17.54 4.66 0.35
CA ALA B 13 16.55 3.87 -0.41
C ALA B 13 16.45 4.43 -1.83
N ALA B 14 16.64 5.75 -1.98
CA ALA B 14 16.57 6.41 -3.30
C ALA B 14 17.74 5.93 -4.18
N SER B 15 18.91 5.72 -3.57
CA SER B 15 20.11 5.25 -4.30
C SER B 15 19.98 3.75 -4.61
N GLN B 16 19.18 3.05 -3.81
CA GLN B 16 18.97 1.58 -4.00
C GLN B 16 17.64 1.36 -4.73
N TYR B 17 16.58 2.06 -4.31
CA TYR B 17 15.27 1.94 -4.93
C TYR B 17 15.08 2.92 -6.08
N GLY B 18 15.74 4.06 -6.04
CA GLY B 18 15.46 5.04 -7.08
C GLY B 18 14.27 5.90 -6.75
N ALA B 19 14.32 7.15 -7.20
CA ALA B 19 13.28 8.13 -6.90
C ALA B 19 12.08 7.86 -7.80
N THR B 20 11.77 6.58 -7.97
CA THR B 20 10.62 6.15 -8.75
C THR B 20 9.89 5.05 -8.03
N ALA B 21 10.58 4.37 -7.13
CA ALA B 21 9.97 3.26 -6.43
C ALA B 21 8.81 3.77 -5.60
N PRO B 22 7.66 3.11 -5.65
CA PRO B 22 6.47 3.58 -4.91
C PRO B 22 6.83 3.99 -3.49
N TYR B 23 7.81 3.28 -2.95
CA TYR B 23 8.40 3.59 -1.65
C TYR B 23 8.79 5.06 -1.56
N THR B 24 9.62 5.51 -2.50
CA THR B 24 10.24 6.81 -2.36
C THR B 24 9.21 7.93 -2.43
N LEU B 25 8.34 7.91 -3.44
CA LEU B 25 7.33 8.96 -3.54
C LEU B 25 6.29 8.85 -2.44
N ALA B 26 6.00 7.64 -1.97
CA ALA B 26 5.12 7.50 -0.82
C ALA B 26 5.69 8.23 0.37
N ILE B 27 6.98 8.07 0.61
CA ILE B 27 7.60 8.75 1.73
C ILE B 27 7.66 10.25 1.47
N VAL B 28 7.91 10.63 0.22
CA VAL B 28 7.90 12.03 -0.15
C VAL B 28 6.60 12.68 0.27
N GLU B 29 5.49 12.16 -0.24
CA GLU B 29 4.18 12.72 0.07
C GLU B 29 3.86 12.58 1.54
N SER B 30 4.39 11.55 2.19
CA SER B 30 4.17 11.42 3.63
C SER B 30 4.80 12.56 4.39
N VAL B 31 6.01 12.95 4.01
CA VAL B 31 6.67 14.07 4.66
C VAL B 31 5.99 15.36 4.28
N ALA B 32 5.46 15.44 3.06
CA ALA B 32 4.76 16.62 2.62
C ALA B 32 3.53 16.94 3.46
N ASP B 33 3.18 16.06 4.40
CA ASP B 33 1.99 16.21 5.23
C ASP B 33 1.94 17.53 5.99
N ASN B 34 3.08 18.14 6.28
CA ASN B 34 3.12 19.23 7.23
C ASN B 34 3.13 20.58 6.52
N TRP B 35 2.41 21.53 7.13
CA TRP B 35 2.52 22.92 6.71
C TRP B 35 3.91 23.43 7.01
N LEU B 36 4.73 23.52 5.96
CA LEU B 36 6.11 23.97 6.10
C LEU B 36 6.54 24.59 4.77
N THR B 37 7.76 25.13 4.75
CA THR B 37 8.26 25.85 3.60
C THR B 37 8.86 24.89 2.60
N PRO B 38 8.59 25.06 1.31
CA PRO B 38 9.35 24.32 0.31
C PRO B 38 10.81 24.71 0.31
N THR B 39 11.13 25.88 0.85
CA THR B 39 12.51 26.34 0.87
C THR B 39 13.42 25.32 1.53
N ASP B 40 13.16 25.03 2.80
CA ASP B 40 13.99 24.07 3.51
C ASP B 40 13.76 22.65 3.05
N TRP B 41 12.54 22.33 2.61
CA TRP B 41 12.30 21.06 1.93
C TRP B 41 13.34 20.84 0.85
N ASN B 42 13.52 21.86 0.02
CA ASN B 42 14.36 21.73 -1.16
C ASN B 42 15.83 21.85 -0.79
N THR B 43 16.15 22.67 0.18
CA THR B 43 17.52 22.68 0.68
C THR B 43 17.90 21.31 1.20
N LEU B 44 17.00 20.71 1.97
CA LEU B 44 17.15 19.34 2.44
C LEU B 44 17.38 18.38 1.28
N VAL B 45 16.52 18.45 0.27
CA VAL B 45 16.62 17.46 -0.80
C VAL B 45 17.92 17.64 -1.56
N ARG B 46 18.26 18.88 -1.91
CA ARG B 46 19.53 19.11 -2.59
C ARG B 46 20.70 18.74 -1.71
N ALA B 47 20.51 18.68 -0.40
CA ALA B 47 21.51 18.14 0.49
C ALA B 47 21.63 16.63 0.31
N VAL B 48 20.51 15.92 0.35
CA VAL B 48 20.57 14.50 0.04
C VAL B 48 20.75 14.26 -1.45
N LEU B 49 20.01 14.99 -2.28
CA LEU B 49 20.06 14.79 -3.73
C LEU B 49 21.19 15.62 -4.32
N SER B 50 21.24 15.69 -5.64
CA SER B 50 22.44 16.21 -6.30
C SER B 50 22.08 17.34 -7.24
N GLY B 51 21.80 18.51 -6.67
CA GLY B 51 22.02 19.77 -7.34
C GLY B 51 21.12 20.05 -8.53
N GLY B 52 21.49 19.47 -9.68
CA GLY B 52 20.80 19.80 -10.91
C GLY B 52 19.37 19.31 -10.92
N ASP B 53 19.16 18.08 -10.48
CA ASP B 53 17.83 17.61 -10.13
C ASP B 53 17.06 18.67 -9.36
N HIS B 54 17.64 19.09 -8.24
CA HIS B 54 17.02 20.08 -7.37
C HIS B 54 16.71 21.36 -8.11
N LEU B 55 17.74 22.02 -8.62
CA LEU B 55 17.55 23.36 -9.18
C LEU B 55 16.67 23.33 -10.40
N LEU B 56 16.69 22.22 -11.14
CA LEU B 56 15.77 22.02 -12.26
C LEU B 56 14.33 21.95 -11.78
N TRP B 57 14.05 21.09 -10.80
CA TRP B 57 12.73 21.05 -10.20
C TRP B 57 12.28 22.42 -9.75
N LYS B 58 13.20 23.19 -9.21
CA LYS B 58 12.78 24.48 -8.68
C LYS B 58 12.65 25.52 -9.78
N SER B 59 13.38 25.37 -10.87
CA SER B 59 13.19 26.25 -12.00
C SER B 59 11.85 25.97 -12.66
N GLU B 60 11.49 24.70 -12.79
CA GLU B 60 10.18 24.38 -13.33
C GLU B 60 9.09 24.80 -12.37
N PHE B 61 9.37 24.69 -11.06
CA PHE B 61 8.58 25.40 -10.07
C PHE B 61 8.31 26.83 -10.50
N PHE B 62 9.37 27.60 -10.69
CA PHE B 62 9.17 29.00 -11.04
C PHE B 62 8.28 29.11 -12.27
N GLU B 63 8.58 28.33 -13.30
CA GLU B 63 7.88 28.48 -14.56
C GLU B 63 6.40 28.14 -14.42
N ASN B 64 6.10 26.89 -14.06
CA ASN B 64 4.71 26.46 -13.99
C ASN B 64 3.95 27.21 -12.91
N CYS B 65 4.61 27.53 -11.80
CA CYS B 65 3.92 28.19 -10.70
C CYS B 65 3.63 29.64 -11.02
N ARG B 66 4.49 30.28 -11.81
CA ARG B 66 4.16 31.63 -12.21
C ARG B 66 3.16 31.65 -13.35
N ASP B 67 3.05 30.58 -14.13
CA ASP B 67 1.89 30.42 -14.98
C ASP B 67 0.62 30.25 -14.14
N THR B 68 0.72 29.44 -13.10
CA THR B 68 -0.36 29.35 -12.13
C THR B 68 -0.68 30.72 -11.56
N ALA B 69 0.35 31.55 -11.37
CA ALA B 69 0.15 32.90 -10.88
C ALA B 69 -0.59 33.75 -11.89
N LYS B 70 -0.22 33.62 -13.16
CA LYS B 70 -1.03 34.18 -14.23
C LYS B 70 -2.49 33.86 -13.99
N ARG B 71 -2.79 32.58 -13.81
CA ARG B 71 -4.17 32.16 -13.59
C ARG B 71 -4.73 32.72 -12.29
N ASN B 72 -3.91 32.78 -11.26
CA ASN B 72 -4.31 33.22 -9.93
C ASN B 72 -4.73 34.67 -9.96
N GLN B 73 -4.08 35.45 -10.80
CA GLN B 73 -4.41 36.86 -10.94
C GLN B 73 -5.46 37.07 -12.02
N GLN B 74 -5.62 36.13 -12.94
CA GLN B 74 -6.86 36.05 -13.70
C GLN B 74 -8.03 35.87 -12.75
N ALA B 75 -7.84 35.03 -11.73
CA ALA B 75 -8.79 34.95 -10.64
C ALA B 75 -8.55 36.02 -9.59
N GLY B 76 -7.35 36.60 -9.57
CA GLY B 76 -7.07 37.72 -8.69
C GLY B 76 -6.64 37.35 -7.28
N ASN B 77 -5.72 36.40 -7.13
CA ASN B 77 -5.21 36.10 -5.80
C ASN B 77 -4.46 37.28 -5.22
N GLY B 78 -3.61 37.92 -6.01
CA GLY B 78 -2.75 38.94 -5.45
C GLY B 78 -1.68 38.28 -4.63
N TRP B 79 -0.89 37.41 -5.26
CA TRP B 79 0.24 36.75 -4.55
C TRP B 79 1.25 36.19 -5.58
N ASP B 80 1.78 35.01 -5.28
CA ASP B 80 2.71 34.22 -6.13
C ASP B 80 4.16 34.76 -6.19
N PHE B 81 4.47 35.97 -5.70
CA PHE B 81 5.89 36.29 -5.84
C PHE B 81 6.72 35.67 -4.73
N ASP B 82 6.52 36.13 -3.49
CA ASP B 82 7.54 35.96 -2.48
C ASP B 82 7.61 34.52 -2.01
N MET B 83 6.52 34.02 -1.44
CA MET B 83 6.42 32.61 -1.11
C MET B 83 6.58 31.76 -2.37
N LEU B 84 5.87 32.15 -3.43
CA LEU B 84 5.94 31.40 -4.69
C LEU B 84 7.20 31.87 -5.43
N THR B 85 8.29 31.91 -4.68
CA THR B 85 9.64 32.00 -5.20
C THR B 85 10.39 30.87 -4.53
N GLY B 86 9.96 30.58 -3.31
CA GLY B 86 10.63 29.66 -2.42
C GLY B 86 11.06 30.57 -1.28
N SER B 87 11.54 31.73 -1.70
CA SER B 87 11.75 32.89 -0.83
C SER B 87 11.88 34.11 -1.72
N GLY B 88 10.92 35.02 -1.65
CA GLY B 88 10.98 36.17 -2.52
C GLY B 88 11.88 37.27 -2.02
N ASN B 89 11.51 37.87 -0.88
CA ASN B 89 12.22 39.03 -0.37
C ASN B 89 12.58 38.91 1.10
N TYR B 90 11.60 38.51 1.91
CA TYR B 90 11.83 38.38 3.38
C TYR B 90 11.23 37.06 3.88
N SER B 91 11.34 36.01 3.06
CA SER B 91 10.80 34.67 3.45
C SER B 91 11.69 34.06 4.53
N SER B 92 12.46 34.90 5.24
CA SER B 92 13.34 34.36 6.32
C SER B 92 12.54 33.58 7.35
N THR B 93 12.44 32.26 7.14
CA THR B 93 11.75 31.32 8.07
C THR B 93 10.27 31.65 8.29
N ASP B 94 9.97 32.47 9.30
CA ASP B 94 8.58 32.75 9.68
C ASP B 94 7.91 33.63 8.63
N ALA B 95 8.62 34.65 8.17
CA ALA B 95 8.08 35.50 7.12
C ALA B 95 7.68 34.70 5.89
N GLN B 96 8.31 33.54 5.69
CA GLN B 96 7.81 32.60 4.70
C GLN B 96 6.62 31.82 5.24
N MET B 97 6.71 31.40 6.51
CA MET B 97 5.62 30.73 7.22
C MET B 97 4.32 31.53 7.15
N GLN B 98 4.37 32.77 6.69
CA GLN B 98 3.18 33.58 6.55
C GLN B 98 2.28 33.09 5.41
N TYR B 99 2.53 31.89 4.89
CA TYR B 99 1.75 31.25 3.85
C TYR B 99 0.25 31.37 4.06
N ASP B 100 -0.49 31.43 2.96
CA ASP B 100 -1.92 31.22 3.01
C ASP B 100 -2.04 29.71 3.03
N PRO B 101 -3.01 29.15 3.75
CA PRO B 101 -3.16 27.69 3.73
C PRO B 101 -3.47 27.15 2.34
N GLY B 102 -4.21 27.89 1.53
CA GLY B 102 -4.41 27.51 0.14
C GLY B 102 -3.13 27.74 -0.62
N LEU B 103 -2.37 28.74 -0.19
CA LEU B 103 -1.03 28.94 -0.72
C LEU B 103 -0.13 27.78 -0.32
N PHE B 104 -0.28 27.28 0.90
CA PHE B 104 0.45 26.07 1.27
C PHE B 104 0.04 24.89 0.40
N ALA B 105 -1.25 24.75 0.14
CA ALA B 105 -1.71 23.70 -0.77
C ALA B 105 -0.99 23.82 -2.09
N GLN B 106 -0.93 25.04 -2.63
CA GLN B 106 -0.26 25.27 -3.89
C GLN B 106 1.21 24.89 -3.82
N ILE B 107 1.91 25.32 -2.77
CA ILE B 107 3.36 25.11 -2.72
C ILE B 107 3.67 23.63 -2.54
N GLN B 108 2.90 22.94 -1.70
CA GLN B 108 3.11 21.52 -1.51
C GLN B 108 2.86 20.77 -2.81
N ALA B 109 1.74 21.09 -3.47
CA ALA B 109 1.44 20.46 -4.74
C ALA B 109 2.55 20.71 -5.76
N ALA B 110 3.08 21.92 -5.78
CA ALA B 110 4.12 22.25 -6.75
C ALA B 110 5.40 21.49 -6.44
N ALA B 111 5.76 21.42 -5.16
CA ALA B 111 6.99 20.71 -4.78
C ALA B 111 6.90 19.24 -5.14
N THR B 112 5.78 18.62 -4.77
CA THR B 112 5.62 17.21 -5.09
C THR B 112 5.51 17.00 -6.59
N LYS B 113 4.91 17.94 -7.30
CA LYS B 113 4.84 17.88 -8.75
C LYS B 113 6.25 17.87 -9.35
N ALA B 114 7.07 18.83 -8.94
CA ALA B 114 8.46 18.85 -9.35
C ALA B 114 9.11 17.51 -9.08
N TRP B 115 9.20 17.13 -7.80
CA TRP B 115 9.85 15.89 -7.42
C TRP B 115 9.35 14.73 -8.26
N ARG B 116 8.07 14.75 -8.58
CA ARG B 116 7.49 13.75 -9.46
C ARG B 116 8.11 13.82 -10.85
N LYS B 117 8.42 15.03 -11.33
CA LYS B 117 8.85 15.18 -12.71
C LYS B 117 10.13 14.42 -13.04
N LEU B 118 11.28 14.87 -12.55
CA LEU B 118 12.53 14.52 -13.19
C LEU B 118 12.82 13.03 -13.08
N PRO B 119 13.48 12.45 -14.08
CA PRO B 119 13.70 11.00 -14.08
C PRO B 119 14.92 10.59 -13.26
N VAL B 120 14.83 9.39 -12.69
CA VAL B 120 15.96 8.78 -12.00
C VAL B 120 16.97 8.42 -13.08
N LYS B 121 18.21 8.10 -12.68
CA LYS B 121 19.16 7.50 -13.60
C LYS B 121 18.51 6.39 -14.40
N GLY B 122 18.06 5.34 -13.70
CA GLY B 122 17.45 4.22 -14.36
C GLY B 122 17.98 2.85 -13.98
N ASP B 123 18.90 2.78 -13.01
CA ASP B 123 19.39 1.45 -12.65
C ASP B 123 19.98 1.35 -11.25
N PRO B 124 19.17 1.56 -10.12
CA PRO B 124 19.77 1.51 -8.76
C PRO B 124 19.52 0.20 -8.02
N GLY B 125 18.86 -0.73 -8.70
CA GLY B 125 18.30 -1.90 -8.05
C GLY B 125 18.91 -3.22 -8.46
N ALA B 126 19.79 -3.19 -9.46
CA ALA B 126 20.44 -4.38 -10.02
C ALA B 126 20.79 -5.42 -8.97
N SER B 127 21.22 -4.96 -7.79
CA SER B 127 21.48 -5.85 -6.66
C SER B 127 20.36 -6.86 -6.48
N LEU B 128 19.12 -6.41 -6.63
CA LEU B 128 17.96 -7.29 -6.48
C LEU B 128 18.12 -8.55 -7.32
N THR B 129 18.25 -8.38 -8.63
CA THR B 129 18.43 -9.53 -9.50
C THR B 129 19.81 -10.14 -9.35
N GLY B 130 20.64 -9.62 -8.45
CA GLY B 130 22.05 -9.88 -8.60
C GLY B 130 22.60 -11.15 -7.96
N VAL B 131 23.62 -11.00 -7.12
CA VAL B 131 24.59 -12.07 -6.90
C VAL B 131 23.95 -13.33 -6.32
N LYS B 132 23.55 -13.29 -5.05
CA LYS B 132 22.91 -14.45 -4.46
C LYS B 132 22.43 -14.21 -3.04
N GLN B 133 21.97 -15.28 -2.40
CA GLN B 133 21.95 -15.42 -0.95
C GLN B 133 23.36 -15.73 -0.50
N GLY B 134 23.76 -15.13 0.63
CA GLY B 134 24.98 -15.52 1.27
C GLY B 134 24.89 -16.98 1.70
N PRO B 135 26.01 -17.69 1.62
CA PRO B 135 25.96 -19.14 1.88
C PRO B 135 25.51 -19.47 3.30
N ASP B 136 26.07 -18.79 4.29
CA ASP B 136 25.71 -19.06 5.67
C ASP B 136 24.32 -18.53 6.00
N GLU B 137 23.87 -17.54 5.26
CA GLU B 137 22.60 -16.88 5.54
C GLU B 137 21.43 -17.84 5.38
N PRO B 138 20.39 -17.69 6.20
CA PRO B 138 19.20 -18.52 6.03
C PRO B 138 18.47 -18.19 4.73
N PHE B 139 17.95 -19.24 4.11
CA PHE B 139 17.47 -19.13 2.74
C PHE B 139 16.11 -18.46 2.67
N ALA B 140 15.15 -18.94 3.47
CA ALA B 140 13.79 -18.44 3.35
C ALA B 140 13.71 -16.98 3.78
N ASP B 141 14.51 -16.62 4.78
CA ASP B 141 14.60 -15.21 5.15
C ASP B 141 15.14 -14.38 4.00
N PHE B 142 16.12 -14.93 3.28
CA PHE B 142 16.64 -14.24 2.11
C PHE B 142 15.55 -14.07 1.06
N VAL B 143 14.77 -15.12 0.84
CA VAL B 143 13.70 -15.06 -0.13
C VAL B 143 12.66 -14.03 0.27
N HIS B 144 12.33 -14.00 1.55
CA HIS B 144 11.44 -12.98 2.08
C HIS B 144 11.97 -11.60 1.79
N ARG B 145 13.24 -11.37 2.09
CA ARG B 145 13.89 -10.12 1.72
C ARG B 145 13.68 -9.84 0.24
N LEU B 146 13.81 -10.87 -0.57
CA LEU B 146 13.73 -10.71 -2.01
C LEU B 146 12.35 -10.22 -2.41
N ILE B 147 11.31 -10.90 -1.95
CA ILE B 147 9.98 -10.55 -2.45
C ILE B 147 9.55 -9.21 -1.88
N THR B 148 9.91 -8.94 -0.62
CA THR B 148 9.58 -7.65 -0.05
C THR B 148 10.21 -6.52 -0.85
N THR B 149 11.50 -6.61 -1.16
CA THR B 149 12.11 -5.51 -1.89
C THR B 149 11.67 -5.52 -3.35
N ALA B 150 11.32 -6.69 -3.87
CA ALA B 150 10.78 -6.75 -5.23
C ALA B 150 9.45 -6.04 -5.31
N GLY B 151 8.63 -6.17 -4.29
CA GLY B 151 7.45 -5.34 -4.19
C GLY B 151 7.81 -3.88 -4.08
N ARG B 152 8.86 -3.58 -3.30
CA ARG B 152 9.28 -2.19 -3.15
C ARG B 152 9.61 -1.55 -4.50
N ILE B 153 10.36 -2.26 -5.33
CA ILE B 153 10.86 -1.66 -6.56
C ILE B 153 9.87 -1.85 -7.70
N PHE B 154 9.44 -3.09 -7.91
CA PHE B 154 8.50 -3.40 -8.97
C PHE B 154 7.16 -2.73 -8.74
N GLY B 155 6.88 -2.38 -7.49
CA GLY B 155 5.64 -1.74 -7.14
C GLY B 155 4.54 -2.68 -6.69
N SER B 156 4.75 -3.98 -6.76
CA SER B 156 3.78 -4.93 -6.27
C SER B 156 4.48 -6.20 -5.85
N ALA B 157 3.87 -6.91 -4.90
CA ALA B 157 4.37 -8.22 -4.52
C ALA B 157 4.11 -9.22 -5.64
N GLU B 158 3.11 -8.96 -6.49
CA GLU B 158 2.72 -9.89 -7.54
C GLU B 158 3.65 -9.76 -8.74
N ALA B 159 4.95 -9.86 -8.47
CA ALA B 159 5.93 -10.07 -9.51
C ALA B 159 6.41 -11.52 -9.52
N GLY B 160 6.20 -12.23 -8.40
CA GLY B 160 6.66 -13.58 -8.21
C GLY B 160 6.30 -14.51 -9.35
N VAL B 161 7.31 -15.10 -9.95
CA VAL B 161 7.17 -15.91 -11.15
C VAL B 161 8.38 -16.84 -11.23
N ASP B 162 8.27 -17.87 -12.07
CA ASP B 162 9.39 -18.79 -12.25
C ASP B 162 10.69 -18.05 -12.54
N TYR B 163 10.59 -16.88 -13.16
CA TYR B 163 11.66 -15.90 -13.11
C TYR B 163 12.14 -15.69 -11.69
N VAL B 164 11.24 -15.29 -10.79
CA VAL B 164 11.63 -15.07 -9.41
C VAL B 164 12.07 -16.38 -8.78
N LYS B 165 11.50 -17.51 -9.22
CA LYS B 165 11.89 -18.79 -8.66
C LYS B 165 13.34 -19.11 -8.97
N GLN B 166 13.76 -18.94 -10.23
CA GLN B 166 15.14 -19.21 -10.57
C GLN B 166 16.05 -18.09 -10.10
N LEU B 167 15.49 -16.91 -9.88
CA LEU B 167 16.25 -15.86 -9.23
C LEU B 167 16.67 -16.30 -7.85
N ALA B 168 15.71 -16.77 -7.04
CA ALA B 168 16.03 -17.32 -5.73
C ALA B 168 16.96 -18.52 -5.87
N TYR B 169 16.69 -19.39 -6.84
CA TYR B 169 17.52 -20.56 -7.06
C TYR B 169 18.98 -20.20 -7.23
N GLU B 170 19.29 -19.41 -8.27
CA GLU B 170 20.63 -18.90 -8.45
C GLU B 170 21.11 -18.20 -7.19
N ASN B 171 20.21 -17.48 -6.53
CA ASN B 171 20.62 -16.74 -5.36
C ASN B 171 20.80 -17.65 -4.16
N ALA B 172 20.13 -18.80 -4.13
CA ALA B 172 20.34 -19.71 -3.02
C ALA B 172 21.81 -20.13 -2.96
N ASN B 173 22.22 -20.62 -1.79
CA ASN B 173 23.60 -21.03 -1.63
C ASN B 173 23.83 -22.26 -2.49
N PRO B 174 25.09 -22.57 -2.80
CA PRO B 174 25.34 -23.76 -3.62
C PRO B 174 24.69 -25.01 -3.05
N ALA B 175 24.66 -25.13 -1.73
CA ALA B 175 24.00 -26.28 -1.11
C ALA B 175 22.52 -26.33 -1.48
N CYS B 176 21.79 -25.27 -1.14
CA CYS B 176 20.35 -25.31 -1.31
C CYS B 176 19.95 -25.38 -2.77
N GLN B 177 20.59 -24.57 -3.61
CA GLN B 177 20.27 -24.59 -5.03
C GLN B 177 20.65 -25.93 -5.65
N ALA B 178 21.77 -26.50 -5.21
CA ALA B 178 22.20 -27.80 -5.70
C ALA B 178 21.25 -28.88 -5.22
N ALA B 179 20.51 -28.62 -4.14
CA ALA B 179 19.46 -29.56 -3.75
C ALA B 179 18.21 -29.35 -4.58
N ILE B 180 17.92 -28.10 -4.95
CA ILE B 180 16.63 -27.79 -5.55
C ILE B 180 16.61 -28.15 -7.02
N ARG B 181 17.66 -27.80 -7.76
CA ARG B 181 17.64 -28.09 -9.18
C ARG B 181 17.48 -29.57 -9.48
N PRO B 182 18.19 -30.50 -8.82
CA PRO B 182 17.84 -31.92 -8.95
C PRO B 182 16.51 -32.26 -8.30
N TYR B 183 16.04 -31.45 -7.35
CA TYR B 183 14.79 -31.75 -6.67
C TYR B 183 13.63 -31.85 -7.65
N ARG B 184 13.37 -30.78 -8.40
CA ARG B 184 12.21 -30.72 -9.29
C ARG B 184 12.23 -29.45 -10.12
N LYS B 185 11.58 -29.49 -11.28
CA LYS B 185 11.15 -28.25 -11.90
C LYS B 185 9.66 -28.07 -11.66
N LYS B 186 9.22 -26.81 -11.69
CA LYS B 186 7.92 -26.36 -11.19
C LYS B 186 7.87 -26.38 -9.67
N THR B 187 9.01 -26.16 -9.01
CA THR B 187 9.07 -26.20 -7.56
C THR B 187 8.65 -24.86 -6.96
N ASP B 188 7.81 -24.95 -5.93
CA ASP B 188 7.24 -23.76 -5.31
C ASP B 188 7.91 -23.48 -3.97
N LEU B 189 7.55 -22.34 -3.39
CA LEU B 189 8.15 -21.87 -2.14
C LEU B 189 8.10 -22.93 -1.07
N THR B 190 7.01 -23.72 -1.04
CA THR B 190 6.89 -24.75 -0.02
C THR B 190 8.02 -25.75 -0.13
N GLY B 191 8.38 -26.14 -1.37
CA GLY B 191 9.48 -27.06 -1.55
C GLY B 191 10.78 -26.51 -1.01
N TYR B 192 11.07 -25.24 -1.31
CA TYR B 192 12.33 -24.66 -0.89
C TYR B 192 12.42 -24.59 0.63
N ILE B 193 11.37 -24.01 1.24
CA ILE B 193 11.36 -23.85 2.68
C ILE B 193 11.43 -25.21 3.35
N ARG B 194 10.85 -26.21 2.71
CA ARG B 194 10.91 -27.58 3.22
C ARG B 194 12.33 -28.09 3.18
N LEU B 195 12.96 -28.04 2.01
CA LEU B 195 14.25 -28.67 1.82
C LEU B 195 15.33 -27.99 2.64
N CYS B 196 15.65 -26.74 2.34
CA CYS B 196 17.00 -26.30 2.67
C CYS B 196 17.13 -25.82 4.12
N SER B 197 16.18 -26.17 4.98
CA SER B 197 16.16 -25.72 6.36
C SER B 197 17.15 -26.47 7.27
N ASP B 198 18.44 -26.22 7.11
CA ASP B 198 19.44 -26.82 8.00
C ASP B 198 20.74 -26.01 7.90
N ILE B 199 21.79 -26.52 8.53
CA ILE B 199 23.10 -25.91 8.47
C ILE B 199 24.14 -26.94 8.05
N GLY B 200 24.25 -28.01 8.83
CA GLY B 200 25.24 -29.03 8.56
C GLY B 200 26.66 -28.59 8.87
N GLY C 1 -7.80 6.55 26.61
CA GLY C 1 -6.54 7.07 26.11
C GLY C 1 -6.14 6.48 24.77
N PHE C 2 -5.16 7.10 24.13
CA PHE C 2 -4.69 6.63 22.83
C PHE C 2 -3.80 5.42 23.00
N ASP C 3 -4.34 4.24 22.70
CA ASP C 3 -3.52 3.04 22.59
C ASP C 3 -2.93 2.96 21.19
N PHE C 4 -1.60 2.98 21.10
CA PHE C 4 -0.98 2.96 19.78
C PHE C 4 -0.45 1.56 19.45
N ALA C 5 0.52 1.10 20.22
CA ALA C 5 1.23 -0.13 19.88
C ALA C 5 0.35 -1.34 20.03
N VAL C 6 -0.41 -1.42 21.13
CA VAL C 6 -1.26 -2.58 21.35
C VAL C 6 -2.33 -2.65 20.27
N ILE C 7 -2.77 -1.49 19.78
CA ILE C 7 -3.67 -1.48 18.64
C ILE C 7 -2.99 -2.11 17.43
N LYS C 8 -1.78 -1.67 17.14
CA LYS C 8 -1.02 -2.29 16.05
C LYS C 8 -0.93 -3.80 16.26
N GLU C 9 -0.73 -4.22 17.49
CA GLU C 9 -0.53 -5.62 17.82
C GLU C 9 -1.79 -6.43 17.60
N LEU C 10 -2.92 -5.90 18.05
CA LEU C 10 -4.18 -6.58 17.80
C LEU C 10 -4.50 -6.59 16.32
N LYS C 11 -4.11 -5.56 15.58
CA LYS C 11 -4.30 -5.61 14.14
C LYS C 11 -3.49 -6.74 13.54
N THR C 12 -2.25 -6.90 13.98
CA THR C 12 -1.43 -8.02 13.53
C THR C 12 -2.12 -9.35 13.86
N ALA C 13 -2.61 -9.44 15.10
CA ALA C 13 -3.31 -10.66 15.58
C ALA C 13 -4.60 -10.84 14.79
N ALA C 14 -5.23 -9.74 14.36
CA ALA C 14 -6.48 -9.78 13.58
C ALA C 14 -6.20 -10.40 12.21
N SER C 15 -5.04 -10.10 11.63
CA SER C 15 -4.65 -10.64 10.29
C SER C 15 -4.22 -12.10 10.44
N GLN C 16 -3.78 -12.48 11.64
CA GLN C 16 -3.34 -13.89 11.91
C GLN C 16 -4.47 -14.64 12.60
N TYR C 17 -5.10 -14.02 13.60
CA TYR C 17 -6.20 -14.65 14.34
C TYR C 17 -7.55 -14.36 13.72
N GLY C 18 -7.70 -13.23 13.04
CA GLY C 18 -9.02 -12.91 12.55
C GLY C 18 -9.88 -12.22 13.59
N ALA C 19 -10.74 -11.33 13.13
CA ALA C 19 -11.58 -10.52 14.00
C ALA C 19 -12.73 -11.38 14.50
N THR C 20 -12.41 -12.63 14.84
CA THR C 20 -13.39 -13.56 15.39
C THR C 20 -12.77 -14.32 16.55
N ALA C 21 -11.45 -14.37 16.59
CA ALA C 21 -10.77 -15.11 17.63
C ALA C 21 -11.10 -14.49 18.97
N PRO C 22 -11.46 -15.29 19.97
CA PRO C 22 -11.83 -14.73 21.29
C PRO C 22 -10.86 -13.65 21.74
N TYR C 23 -9.60 -13.86 21.35
CA TYR C 23 -8.54 -12.88 21.57
C TYR C 23 -8.96 -11.50 21.09
N THR C 24 -9.35 -11.40 19.82
CA THR C 24 -9.53 -10.09 19.21
C THR C 24 -10.68 -9.33 19.87
N LEU C 25 -11.84 -9.97 20.00
CA LEU C 25 -12.97 -9.28 20.63
C LEU C 25 -12.75 -9.05 22.11
N ALA C 26 -12.01 -9.94 22.77
CA ALA C 26 -11.65 -9.68 24.16
C ALA C 26 -10.86 -8.39 24.26
N ILE C 27 -9.91 -8.19 23.37
CA ILE C 27 -9.11 -6.97 23.40
C ILE C 27 -9.97 -5.78 23.01
N VAL C 28 -10.87 -5.99 22.05
CA VAL C 28 -11.79 -4.94 21.64
C VAL C 28 -12.55 -4.41 22.86
N GLU C 29 -13.25 -5.30 23.54
CA GLU C 29 -14.03 -4.89 24.70
C GLU C 29 -13.15 -4.39 25.82
N SER C 30 -11.91 -4.88 25.90
CA SER C 30 -10.99 -4.38 26.91
C SER C 30 -10.66 -2.91 26.67
N VAL C 31 -10.43 -2.55 25.41
CA VAL C 31 -10.15 -1.16 25.09
C VAL C 31 -11.41 -0.32 25.25
N ALA C 32 -12.57 -0.92 24.98
CA ALA C 32 -13.82 -0.21 25.13
C ALA C 32 -14.08 0.22 26.57
N ASP C 33 -13.21 -0.16 27.51
CA ASP C 33 -13.39 0.16 28.92
C ASP C 33 -13.51 1.65 29.21
N ASN C 34 -12.96 2.50 28.35
CA ASN C 34 -12.81 3.90 28.71
C ASN C 34 -13.93 4.75 28.12
N TRP C 35 -14.37 5.73 28.92
CA TRP C 35 -15.26 6.76 28.41
C TRP C 35 -14.52 7.58 27.36
N LEU C 36 -14.83 7.32 26.09
CA LEU C 36 -14.19 8.03 24.99
C LEU C 36 -15.15 8.02 23.80
N THR C 37 -14.75 8.69 22.73
CA THR C 37 -15.59 8.87 21.57
C THR C 37 -15.49 7.67 20.65
N PRO C 38 -16.60 7.17 20.13
CA PRO C 38 -16.52 6.20 19.04
C PRO C 38 -15.89 6.80 17.81
N THR C 39 -15.89 8.12 17.68
CA THR C 39 -15.34 8.76 16.50
C THR C 39 -13.89 8.35 16.28
N ASP C 40 -13.03 8.64 17.24
CA ASP C 40 -11.63 8.28 17.10
C ASP C 40 -11.41 6.79 17.22
N TRP C 41 -12.24 6.09 18.02
CA TRP C 41 -12.22 4.63 18.00
C TRP C 41 -12.29 4.13 16.57
N ASN C 42 -13.23 4.66 15.81
CA ASN C 42 -13.51 4.14 14.49
C ASN C 42 -12.51 4.67 13.47
N THR C 43 -12.05 5.91 13.66
CA THR C 43 -10.96 6.37 12.82
C THR C 43 -9.73 5.49 13.00
N LEU C 44 -9.43 5.17 14.25
CA LEU C 44 -8.38 4.23 14.57
C LEU C 44 -8.58 2.89 13.87
N VAL C 45 -9.78 2.32 13.99
CA VAL C 45 -9.99 0.99 13.45
C VAL C 45 -9.88 1.02 11.93
N ARG C 46 -10.52 2.00 11.28
CA ARG C 46 -10.39 2.10 9.83
C ARG C 46 -8.96 2.39 9.42
N ALA C 47 -8.15 2.90 10.34
CA ALA C 47 -6.71 3.03 10.09
C ALA C 47 -6.07 1.66 10.09
N VAL C 48 -6.32 0.86 11.13
CA VAL C 48 -5.82 -0.51 11.11
C VAL C 48 -6.62 -1.37 10.15
N LEU C 49 -7.95 -1.26 10.18
CA LEU C 49 -8.81 -2.08 9.35
C LEU C 49 -8.98 -1.44 7.98
N SER C 50 -9.89 -1.98 7.18
CA SER C 50 -9.93 -1.63 5.77
C SER C 50 -11.32 -1.14 5.37
N GLY C 51 -11.63 0.09 5.76
CA GLY C 51 -12.58 0.91 5.04
C GLY C 51 -14.01 0.44 5.06
N GLY C 52 -14.32 -0.53 4.19
CA GLY C 52 -15.70 -0.93 4.01
C GLY C 52 -16.26 -1.60 5.23
N ASP C 53 -15.50 -2.50 5.83
CA ASP C 53 -15.78 -2.98 7.17
C ASP C 53 -16.17 -1.84 8.09
N HIS C 54 -15.29 -0.85 8.18
CA HIS C 54 -15.50 0.31 9.04
C HIS C 54 -16.80 1.02 8.71
N LEU C 55 -16.89 1.54 7.49
CA LEU C 55 -18.00 2.41 7.14
C LEU C 55 -19.32 1.65 7.17
N LEU C 56 -19.28 0.36 6.90
CA LEU C 56 -20.46 -0.49 7.04
C LEU C 56 -20.90 -0.59 8.49
N TRP C 57 -19.97 -0.92 9.39
CA TRP C 57 -20.27 -0.91 10.81
C TRP C 57 -20.87 0.42 11.25
N LYS C 58 -20.36 1.50 10.69
CA LYS C 58 -20.83 2.79 11.15
C LYS C 58 -22.17 3.16 10.50
N SER C 59 -22.42 2.64 9.31
CA SER C 59 -23.72 2.84 8.71
C SER C 59 -24.79 2.07 9.46
N GLU C 60 -24.47 0.84 9.86
CA GLU C 60 -25.42 0.09 10.66
C GLU C 60 -25.55 0.71 12.03
N PHE C 61 -24.46 1.26 12.56
CA PHE C 61 -24.56 2.20 13.66
C PHE C 61 -25.67 3.21 13.44
N PHE C 62 -25.59 3.98 12.36
CA PHE C 62 -26.61 4.99 12.14
C PHE C 62 -27.98 4.36 12.16
N GLU C 63 -28.16 3.26 11.44
CA GLU C 63 -29.48 2.68 11.28
C GLU C 63 -30.03 2.20 12.61
N ASN C 64 -29.37 1.23 13.23
CA ASN C 64 -29.89 0.65 14.46
C ASN C 64 -29.92 1.66 15.58
N CYS C 65 -28.95 2.57 15.62
CA CYS C 65 -28.88 3.53 16.72
C CYS C 65 -29.95 4.59 16.57
N ARG C 66 -30.33 4.93 15.35
CA ARG C 66 -31.42 5.87 15.20
C ARG C 66 -32.77 5.18 15.37
N ASP C 67 -32.84 3.87 15.16
CA ASP C 67 -34.01 3.13 15.65
C ASP C 67 -34.04 3.17 17.18
N THR C 68 -32.89 2.95 17.80
CA THR C 68 -32.79 3.13 19.24
C THR C 68 -33.21 4.53 19.63
N ALA C 69 -32.92 5.51 18.79
CA ALA C 69 -33.33 6.88 19.04
C ALA C 69 -34.84 7.03 18.96
N LYS C 70 -35.44 6.39 17.96
CA LYS C 70 -36.89 6.24 17.93
C LYS C 70 -37.38 5.83 19.30
N ARG C 71 -36.82 4.75 19.83
CA ARG C 71 -37.23 4.24 21.13
C ARG C 71 -36.92 5.23 22.25
N ASN C 72 -35.78 5.90 22.14
CA ASN C 72 -35.32 6.84 23.16
C ASN C 72 -36.25 8.00 23.29
N GLN C 73 -36.84 8.41 22.18
CA GLN C 73 -37.78 9.50 22.18
C GLN C 73 -39.20 9.01 22.39
N GLN C 74 -39.47 7.73 22.13
CA GLN C 74 -40.65 7.10 22.73
C GLN C 74 -40.56 7.17 24.24
N ALA C 75 -39.35 6.95 24.78
CA ALA C 75 -39.10 7.23 26.18
C ALA C 75 -38.75 8.69 26.42
N GLY C 76 -38.35 9.40 25.38
CA GLY C 76 -38.13 10.83 25.49
C GLY C 76 -36.76 11.24 25.98
N ASN C 77 -35.69 10.63 25.44
CA ASN C 77 -34.35 11.08 25.83
C ASN C 77 -34.10 12.51 25.39
N GLY C 78 -34.48 12.86 24.17
CA GLY C 78 -34.10 14.14 23.63
C GLY C 78 -32.62 14.13 23.32
N TRP C 79 -32.22 13.22 22.43
CA TRP C 79 -30.79 13.17 22.00
C TRP C 79 -30.66 12.40 20.69
N ASP C 80 -29.60 11.60 20.58
CA ASP C 80 -29.31 10.67 19.45
C ASP C 80 -28.79 11.37 18.17
N PHE C 81 -28.87 12.70 18.02
CA PHE C 81 -28.33 13.16 16.75
C PHE C 81 -26.81 13.29 16.78
N ASP C 82 -26.30 14.22 17.58
CA ASP C 82 -24.95 14.71 17.35
C ASP C 82 -23.90 13.69 17.74
N MET C 83 -23.88 13.33 19.03
CA MET C 83 -23.04 12.24 19.48
C MET C 83 -23.41 10.95 18.77
N LEU C 84 -24.72 10.67 18.68
CA LEU C 84 -25.19 9.45 18.02
C LEU C 84 -25.21 9.74 16.52
N THR C 85 -24.11 10.31 16.04
CA THR C 85 -23.78 10.37 14.65
C THR C 85 -22.35 9.84 14.56
N GLY C 86 -21.62 10.07 15.64
CA GLY C 86 -20.20 9.82 15.72
C GLY C 86 -19.62 11.20 15.89
N SER C 87 -20.19 12.11 15.11
CA SER C 87 -20.03 13.54 15.26
C SER C 87 -21.16 14.22 14.49
N GLY C 88 -22.06 14.88 15.19
CA GLY C 88 -23.17 15.48 14.48
C GLY C 88 -22.85 16.83 13.89
N ASN C 89 -22.57 17.80 14.74
CA ASN C 89 -22.38 19.18 14.30
C ASN C 89 -21.12 19.82 14.85
N TYR C 90 -20.91 19.67 16.16
CA TYR C 90 -19.72 20.28 16.82
C TYR C 90 -19.08 19.26 17.77
N SER C 91 -19.08 17.99 17.37
CA SER C 91 -18.49 16.91 18.20
C SER C 91 -16.96 17.04 18.19
N SER C 92 -16.44 18.22 17.83
CA SER C 92 -14.97 18.41 17.79
C SER C 92 -14.33 18.07 19.15
N THR C 93 -13.90 16.81 19.29
CA THR C 93 -13.20 16.30 20.50
C THR C 93 -14.03 16.44 21.78
N ASP C 94 -13.89 17.57 22.49
CA ASP C 94 -14.54 17.73 23.79
C ASP C 94 -16.04 17.91 23.63
N ALA C 95 -16.46 18.70 22.64
CA ALA C 95 -17.88 18.86 22.37
C ALA C 95 -18.55 17.52 22.13
N GLN C 96 -17.78 16.53 21.66
CA GLN C 96 -18.29 15.17 21.63
C GLN C 96 -18.21 14.53 23.01
N MET C 97 -17.10 14.77 23.72
CA MET C 97 -16.90 14.34 25.09
C MET C 97 -18.04 14.76 26.01
N GLN C 98 -18.92 15.63 25.53
CA GLN C 98 -20.06 16.06 26.31
C GLN C 98 -21.11 14.96 26.47
N TYR C 99 -20.75 13.72 26.13
CA TYR C 99 -21.60 12.55 26.28
C TYR C 99 -22.34 12.48 27.59
N ASP C 100 -23.53 11.90 27.57
CA ASP C 100 -24.18 11.49 28.79
C ASP C 100 -23.52 10.17 29.10
N PRO C 101 -23.31 9.85 30.37
CA PRO C 101 -22.71 8.54 30.69
C PRO C 101 -23.57 7.38 30.23
N GLY C 102 -24.90 7.52 30.28
CA GLY C 102 -25.76 6.51 29.72
C GLY C 102 -25.69 6.57 28.21
N LEU C 103 -25.45 7.78 27.69
CA LEU C 103 -25.16 7.94 26.28
C LEU C 103 -23.85 7.27 25.92
N PHE C 104 -22.85 7.37 26.81
CA PHE C 104 -21.62 6.62 26.58
C PHE C 104 -21.88 5.13 26.59
N ALA C 105 -22.72 4.66 27.52
CA ALA C 105 -23.09 3.25 27.52
C ALA C 105 -23.64 2.87 26.16
N GLN C 106 -24.56 3.69 25.65
CA GLN C 106 -25.16 3.42 24.36
C GLN C 106 -24.12 3.37 23.26
N ILE C 107 -23.21 4.35 23.22
CA ILE C 107 -22.28 4.44 22.11
C ILE C 107 -21.28 3.30 22.15
N GLN C 108 -20.82 2.96 23.35
CA GLN C 108 -19.89 1.84 23.47
C GLN C 108 -20.55 0.55 23.06
N ALA C 109 -21.77 0.33 23.54
CA ALA C 109 -22.52 -0.87 23.15
C ALA C 109 -22.71 -0.92 21.66
N ALA C 110 -23.02 0.21 21.04
CA ALA C 110 -23.25 0.23 19.60
C ALA C 110 -21.98 -0.07 18.84
N ALA C 111 -20.86 0.53 19.27
CA ALA C 111 -19.60 0.31 18.59
C ALA C 111 -19.19 -1.15 18.66
N THR C 112 -19.26 -1.72 19.87
CA THR C 112 -18.90 -3.13 20.01
C THR C 112 -19.88 -4.03 19.29
N LYS C 113 -21.15 -3.63 19.24
CA LYS C 113 -22.15 -4.37 18.48
C LYS C 113 -21.78 -4.41 17.01
N ALA C 114 -21.49 -3.25 16.44
CA ALA C 114 -21.02 -3.17 15.07
C ALA C 114 -19.83 -4.10 14.87
N TRP C 115 -18.73 -3.82 15.57
CA TRP C 115 -17.52 -4.61 15.43
C TRP C 115 -17.81 -6.11 15.51
N ARG C 116 -18.77 -6.46 16.38
CA ARG C 116 -19.21 -7.83 16.50
C ARG C 116 -19.85 -8.30 15.19
N LYS C 117 -20.58 -7.42 14.51
CA LYS C 117 -21.36 -7.85 13.35
C LYS C 117 -20.50 -8.45 12.24
N LEU C 118 -19.76 -7.62 11.52
CA LEU C 118 -19.33 -8.00 10.18
C LEU C 118 -18.39 -9.20 10.22
N PRO C 119 -18.42 -10.05 9.20
CA PRO C 119 -17.62 -11.27 9.21
C PRO C 119 -16.20 -11.04 8.74
N VAL C 120 -15.28 -11.83 9.29
CA VAL C 120 -13.90 -11.85 8.85
C VAL C 120 -13.90 -12.48 7.47
N LYS C 121 -12.79 -12.36 6.73
CA LYS C 121 -12.61 -13.14 5.51
C LYS C 121 -12.98 -14.59 5.75
N GLY C 122 -12.26 -15.26 6.65
CA GLY C 122 -12.52 -16.65 6.94
C GLY C 122 -11.31 -17.56 6.91
N ASP C 123 -10.11 -17.02 6.71
CA ASP C 123 -8.96 -17.92 6.70
C ASP C 123 -7.62 -17.26 7.02
N PRO C 124 -7.40 -16.70 8.29
CA PRO C 124 -6.12 -16.01 8.58
C PRO C 124 -5.12 -16.85 9.38
N GLY C 125 -5.51 -18.09 9.66
CA GLY C 125 -4.82 -18.90 10.64
C GLY C 125 -4.14 -20.13 10.10
N ALA C 126 -4.35 -20.41 8.80
CA ALA C 126 -3.82 -21.59 8.13
C ALA C 126 -2.40 -21.95 8.58
N SER C 127 -1.58 -20.92 8.84
CA SER C 127 -0.24 -21.14 9.38
C SER C 127 -0.26 -22.13 10.53
N LEU C 128 -1.26 -22.02 11.40
CA LEU C 128 -1.39 -22.92 12.54
C LEU C 128 -1.27 -24.37 12.12
N THR C 129 -2.18 -24.81 11.25
CA THR C 129 -2.12 -26.19 10.77
C THR C 129 -0.97 -26.41 9.81
N GLY C 130 -0.14 -25.40 9.58
CA GLY C 130 0.67 -25.44 8.37
C GLY C 130 2.01 -26.14 8.46
N VAL C 131 3.08 -25.45 8.08
CA VAL C 131 4.27 -26.12 7.56
C VAL C 131 4.91 -27.06 8.59
N LYS C 132 5.53 -26.49 9.63
CA LYS C 132 6.15 -27.35 10.64
C LYS C 132 6.74 -26.56 11.80
N GLN C 133 7.43 -27.29 12.67
CA GLN C 133 8.46 -26.73 13.52
C GLN C 133 9.72 -26.55 12.68
N GLY C 134 10.42 -25.43 12.90
CA GLY C 134 11.73 -25.26 12.33
C GLY C 134 12.66 -26.34 12.85
N PRO C 135 13.56 -26.82 11.98
CA PRO C 135 14.40 -27.96 12.37
C PRO C 135 15.27 -27.67 13.58
N ASP C 136 15.93 -26.52 13.60
CA ASP C 136 16.81 -26.18 14.70
C ASP C 136 16.02 -25.80 15.95
N GLU C 137 14.79 -25.37 15.76
CA GLU C 137 13.96 -24.88 16.86
C GLU C 137 13.66 -25.99 17.86
N PRO C 138 13.58 -25.67 19.15
CA PRO C 138 13.19 -26.68 20.13
C PRO C 138 11.75 -27.11 19.95
N PHE C 139 11.53 -28.41 20.16
CA PHE C 139 10.28 -29.03 19.77
C PHE C 139 9.16 -28.72 20.75
N ALA C 140 9.40 -28.92 22.05
CA ALA C 140 8.33 -28.78 23.02
C ALA C 140 7.89 -27.33 23.13
N ASP C 141 8.83 -26.41 22.98
CA ASP C 141 8.48 -25.01 22.93
C ASP C 141 7.60 -24.72 21.72
N PHE C 142 7.91 -25.35 20.59
CA PHE C 142 7.06 -25.21 19.42
C PHE C 142 5.67 -25.73 19.69
N VAL C 143 5.58 -26.89 20.35
CA VAL C 143 4.29 -27.48 20.66
C VAL C 143 3.50 -26.58 21.59
N HIS C 144 4.19 -26.01 22.59
CA HIS C 144 3.56 -25.04 23.47
C HIS C 144 3.01 -23.87 22.68
N ARG C 145 3.81 -23.31 21.79
CA ARG C 145 3.32 -22.29 20.87
C ARG C 145 2.06 -22.77 20.18
N LEU C 146 2.07 -24.03 19.74
CA LEU C 146 0.95 -24.56 18.98
C LEU C 146 -0.31 -24.56 19.81
N ILE C 147 -0.25 -25.12 21.02
CA ILE C 147 -1.49 -25.27 21.76
C ILE C 147 -1.97 -23.92 22.24
N THR C 148 -1.04 -23.05 22.63
CA THR C 148 -1.45 -21.71 23.04
C THR C 148 -2.20 -20.99 21.92
N THR C 149 -1.64 -20.99 20.72
CA THR C 149 -2.33 -20.26 19.66
C THR C 149 -3.56 -21.02 19.19
N ALA C 150 -3.56 -22.34 19.35
CA ALA C 150 -4.75 -23.11 19.02
C ALA C 150 -5.88 -22.77 19.95
N GLY C 151 -5.58 -22.55 21.23
CA GLY C 151 -6.57 -21.99 22.13
C GLY C 151 -6.98 -20.61 21.69
N ARG C 152 -6.01 -19.81 21.24
CA ARG C 152 -6.33 -18.45 20.79
C ARG C 152 -7.38 -18.48 19.68
N ILE C 153 -7.19 -19.33 18.69
CA ILE C 153 -8.04 -19.29 17.51
C ILE C 153 -9.27 -20.16 17.70
N PHE C 154 -9.07 -21.41 18.09
CA PHE C 154 -10.17 -22.34 18.31
C PHE C 154 -11.07 -21.88 19.44
N GLY C 155 -10.54 -21.04 20.32
CA GLY C 155 -11.30 -20.54 21.45
C GLY C 155 -11.15 -21.34 22.72
N SER C 156 -10.46 -22.47 22.68
CA SER C 156 -10.22 -23.24 23.88
C SER C 156 -8.93 -24.03 23.72
N ALA C 157 -8.28 -24.30 24.86
CA ALA C 157 -7.13 -25.19 24.84
C ALA C 157 -7.56 -26.62 24.56
N GLU C 158 -8.82 -26.95 24.86
CA GLU C 158 -9.31 -28.32 24.72
C GLU C 158 -9.68 -28.61 23.26
N ALA C 159 -8.72 -28.33 22.37
CA ALA C 159 -8.79 -28.84 21.01
C ALA C 159 -7.84 -30.01 20.82
N GLY C 160 -6.86 -30.14 21.72
CA GLY C 160 -5.84 -31.16 21.64
C GLY C 160 -6.38 -32.54 21.42
N VAL C 161 -5.94 -33.16 20.33
CA VAL C 161 -6.46 -34.45 19.89
C VAL C 161 -5.41 -35.07 18.98
N ASP C 162 -5.54 -36.39 18.73
CA ASP C 162 -4.61 -37.08 17.84
C ASP C 162 -4.44 -36.34 16.53
N TYR C 163 -5.48 -35.63 16.09
CA TYR C 163 -5.32 -34.56 15.11
C TYR C 163 -4.17 -33.64 15.50
N VAL C 164 -4.26 -33.04 16.68
CA VAL C 164 -3.20 -32.14 17.11
C VAL C 164 -1.89 -32.91 17.30
N LYS C 165 -1.98 -34.19 17.67
CA LYS C 165 -0.77 -34.99 17.83
C LYS C 165 -0.03 -35.15 16.52
N GLN C 166 -0.73 -35.51 15.46
CA GLN C 166 -0.08 -35.66 14.16
C GLN C 166 0.22 -34.30 13.54
N LEU C 167 -0.51 -33.28 13.96
CA LEU C 167 -0.14 -31.93 13.57
C LEU C 167 1.25 -31.61 14.06
N ALA C 168 1.48 -31.81 15.35
CA ALA C 168 2.83 -31.62 15.91
C ALA C 168 3.82 -32.56 15.24
N TYR C 169 3.41 -33.83 15.04
CA TYR C 169 4.28 -34.80 14.40
C TYR C 169 4.80 -34.30 13.07
N GLU C 170 3.88 -34.06 12.12
CA GLU C 170 4.27 -33.46 10.86
C GLU C 170 5.06 -32.18 11.07
N ASN C 171 4.67 -31.40 12.08
CA ASN C 171 5.35 -30.16 12.32
C ASN C 171 6.70 -30.35 12.96
N ALA C 172 6.90 -31.45 13.68
CA ALA C 172 8.21 -31.70 14.26
C ALA C 172 9.26 -31.78 13.16
N ASN C 173 10.52 -31.60 13.56
CA ASN C 173 11.59 -31.62 12.58
C ASN C 173 11.72 -33.06 12.08
N PRO C 174 12.34 -33.26 10.92
CA PRO C 174 12.48 -34.63 10.41
C PRO C 174 13.11 -35.57 11.42
N ALA C 175 14.05 -35.07 12.22
CA ALA C 175 14.65 -35.89 13.26
C ALA C 175 13.61 -36.35 14.26
N CYS C 176 12.93 -35.41 14.91
CA CYS C 176 12.05 -35.78 16.00
C CYS C 176 10.85 -36.58 15.51
N GLN C 177 10.24 -36.15 14.39
CA GLN C 177 9.10 -36.89 13.87
C GLN C 177 9.53 -38.27 13.37
N ALA C 178 10.72 -38.36 12.79
CA ALA C 178 11.24 -39.65 12.36
C ALA C 178 11.56 -40.54 13.54
N ALA C 179 11.76 -39.94 14.72
CA ALA C 179 11.89 -40.74 15.92
C ALA C 179 10.53 -41.17 16.45
N ILE C 180 9.53 -40.30 16.30
CA ILE C 180 8.26 -40.53 16.97
C ILE C 180 7.41 -41.54 16.20
N ARG C 181 7.32 -41.39 14.89
CA ARG C 181 6.47 -42.30 14.14
C ARG C 181 6.89 -43.76 14.31
N PRO C 182 8.17 -44.13 14.22
CA PRO C 182 8.56 -45.49 14.64
C PRO C 182 8.44 -45.71 16.13
N TYR C 183 8.44 -44.65 16.94
CA TYR C 183 8.35 -44.82 18.39
C TYR C 183 7.08 -45.56 18.79
N ARG C 184 5.91 -45.03 18.42
CA ARG C 184 4.64 -45.59 18.86
C ARG C 184 3.48 -44.86 18.21
N LYS C 185 2.34 -45.55 18.08
CA LYS C 185 1.10 -44.83 17.91
C LYS C 185 0.35 -44.82 19.24
N LYS C 186 -0.52 -43.82 19.40
CA LYS C 186 -1.11 -43.42 20.68
C LYS C 186 -0.08 -42.73 21.58
N THR C 187 0.89 -42.05 20.99
CA THR C 187 1.94 -41.40 21.77
C THR C 187 1.49 -40.03 22.27
N ASP C 188 1.75 -39.78 23.54
CA ASP C 188 1.30 -38.56 24.20
C ASP C 188 2.46 -37.58 24.37
N LEU C 189 2.11 -36.37 24.84
CA LEU C 189 3.07 -35.29 24.98
C LEU C 189 4.29 -35.73 25.78
N THR C 190 4.08 -36.58 26.78
CA THR C 190 5.19 -37.03 27.60
C THR C 190 6.22 -37.75 26.74
N GLY C 191 5.76 -38.60 25.83
CA GLY C 191 6.68 -39.30 24.95
C GLY C 191 7.50 -38.35 24.11
N TYR C 192 6.86 -37.33 23.54
CA TYR C 192 7.58 -36.41 22.66
C TYR C 192 8.62 -35.62 23.45
N ILE C 193 8.19 -35.03 24.57
CA ILE C 193 9.09 -34.22 25.37
C ILE C 193 10.24 -35.08 25.88
N ARG C 194 9.95 -36.36 26.12
CA ARG C 194 10.97 -37.29 26.55
C ARG C 194 11.99 -37.51 25.44
N LEU C 195 11.51 -37.89 24.26
CA LEU C 195 12.40 -38.30 23.18
C LEU C 195 13.24 -37.15 22.67
N CYS C 196 12.61 -36.14 22.08
CA CYS C 196 13.38 -35.38 21.10
C CYS C 196 14.20 -34.27 21.75
N SER C 197 14.43 -34.34 23.06
CA SER C 197 15.15 -33.31 23.78
C SER C 197 16.67 -33.37 23.60
N ASP C 198 17.17 -33.00 22.42
CA ASP C 198 18.61 -32.94 22.19
C ASP C 198 18.89 -32.06 20.97
N ILE C 199 20.14 -32.02 20.54
CA ILE C 199 20.54 -31.29 19.34
C ILE C 199 21.32 -32.20 18.41
N GLY C 200 22.41 -32.75 18.90
CA GLY C 200 23.27 -33.59 18.09
C GLY C 200 24.06 -32.82 17.05
#